data_5T63
#
_entry.id   5T63
#
_cell.length_a   134.228
_cell.length_b   134.228
_cell.length_c   115.063
_cell.angle_alpha   90.000
_cell.angle_beta   90.000
_cell.angle_gamma   120.000
#
_symmetry.space_group_name_H-M   'H 3 2'
#
loop_
_entity.id
_entity.type
_entity.pdbx_description
1 polymer 'Putative serine protease HhoA'
2 polymer ALA-ALA-ALA-ALA
3 non-polymer 'MAGNESIUM ION'
4 water water
#
loop_
_entity_poly.entity_id
_entity_poly.type
_entity_poly.pdbx_seq_one_letter_code
_entity_poly.pdbx_strand_id
1 'polypeptide(L)'
;GIDPFTMADDLPPAPVITAQASVPLTSESFVAAAVSRSGPAVVRIDTETVVTRRTDPILDDPFFQEFFGRSFPVPPRERR
IAGQGSGFIIDNSGIILTNAHVVDGASKVVVTLRDGRTFDGQVRGTDEVTDLAVVKIEPQGSALPVAPLGTSSNLQVGDW
AIAVGNPVGLDNTVTLGIISTLGRSAAQAGIPDKRVEFIQTDAAINPGNSGGPLLNARGEVIGINTAIRADATGIGFAIP
IDQAKAIQNTLAAGGTVPHPYIGVQMMNITVDQAQQNNRNPNSPFIIPEVDGILVMRVLPGTPAERAGIRRGDVIVAVDG
TPISDGARLQRIVEQAGLNKALKLDLLRGDRRLSLTVQTAQLRNPTS
;
A
2 'polypeptide(L)' AAAA C
#
# COMPACT_ATOMS: atom_id res chain seq x y z
N SER A 27 -6.72 -7.27 35.87
CA SER A 27 -8.17 -7.41 35.85
C SER A 27 -8.68 -7.44 34.42
N GLU A 28 -8.02 -6.70 33.56
CA GLU A 28 -8.27 -6.76 32.14
C GLU A 28 -7.27 -7.70 31.48
N SER A 29 -7.65 -8.21 30.31
CA SER A 29 -6.65 -8.84 29.45
C SER A 29 -5.70 -7.77 28.93
N PHE A 30 -4.66 -8.22 28.22
CA PHE A 30 -3.76 -7.25 27.60
C PHE A 30 -4.43 -6.54 26.44
N VAL A 31 -5.48 -7.15 25.88
CA VAL A 31 -6.20 -6.52 24.77
C VAL A 31 -6.99 -5.31 25.26
N ALA A 32 -7.85 -5.52 26.27
CA ALA A 32 -8.54 -4.39 26.90
C ALA A 32 -7.58 -3.25 27.20
N ALA A 33 -6.36 -3.58 27.62
CA ALA A 33 -5.35 -2.57 27.94
C ALA A 33 -4.90 -1.81 26.70
N ALA A 34 -4.43 -2.51 25.67
CA ALA A 34 -3.97 -1.83 24.46
C ALA A 34 -5.06 -0.94 23.87
N VAL A 35 -6.32 -1.40 23.94
CA VAL A 35 -7.43 -0.60 23.46
C VAL A 35 -7.61 0.63 24.33
N SER A 36 -7.45 0.48 25.64
CA SER A 36 -7.53 1.66 26.49
C SER A 36 -6.41 2.67 26.19
N ARG A 37 -5.27 2.21 25.66
CA ARG A 37 -4.19 3.17 25.37
C ARG A 37 -4.39 3.89 24.03
N SER A 38 -4.78 3.18 22.97
CA SER A 38 -4.82 3.79 21.64
C SER A 38 -6.21 4.06 21.10
N GLY A 39 -7.21 3.32 21.57
CA GLY A 39 -8.60 3.41 21.13
C GLY A 39 -9.25 4.79 21.14
N PRO A 40 -8.94 5.64 22.14
CA PRO A 40 -9.53 7.00 22.13
C PRO A 40 -9.17 7.80 20.91
N ALA A 41 -8.03 7.54 20.29
CA ALA A 41 -7.64 8.30 19.12
C ALA A 41 -8.25 7.76 17.84
N VAL A 42 -9.07 6.72 17.91
CA VAL A 42 -9.64 6.09 16.71
C VAL A 42 -10.98 6.75 16.40
N VAL A 43 -11.09 7.34 15.21
CA VAL A 43 -12.21 8.19 14.86
C VAL A 43 -13.06 7.57 13.75
N ARG A 44 -14.30 8.05 13.66
CA ARG A 44 -15.18 7.71 12.55
C ARG A 44 -15.06 8.79 11.49
N ILE A 45 -15.06 8.35 10.23
CA ILE A 45 -14.93 9.23 9.09
C ILE A 45 -16.15 9.02 8.21
N ASP A 46 -16.95 10.07 8.01
CA ASP A 46 -18.01 9.98 7.03
C ASP A 46 -17.86 11.08 6.00
N THR A 47 -18.31 10.78 4.78
CA THR A 47 -18.34 11.68 3.65
C THR A 47 -19.75 12.02 3.20
N GLU A 48 -20.72 11.14 3.51
CA GLU A 48 -22.12 11.36 3.20
C GLU A 48 -23.01 10.77 4.30
N GLN A 84 -17.23 6.06 3.82
CA GLN A 84 -17.32 5.85 5.27
C GLN A 84 -16.30 4.84 5.84
N GLY A 85 -15.71 5.15 7.00
CA GLY A 85 -14.71 4.26 7.61
C GLY A 85 -14.09 4.76 8.91
N SER A 86 -12.84 4.36 9.20
CA SER A 86 -12.18 4.72 10.46
C SER A 86 -10.85 5.41 10.19
N GLY A 87 -10.43 6.22 11.16
CA GLY A 87 -9.09 6.78 11.12
C GLY A 87 -8.47 6.80 12.50
N PHE A 88 -7.33 7.46 12.66
CA PHE A 88 -6.83 7.64 14.01
C PHE A 88 -5.91 8.86 14.06
N ILE A 89 -5.94 9.57 15.18
CA ILE A 89 -5.18 10.80 15.32
C ILE A 89 -3.75 10.46 15.72
N ILE A 90 -2.79 11.03 15.01
CA ILE A 90 -1.38 10.79 15.31
C ILE A 90 -0.68 12.03 15.83
N ASP A 91 -1.39 13.12 16.06
CA ASP A 91 -0.74 14.32 16.57
C ASP A 91 -1.78 15.23 17.20
N ASN A 92 -1.41 15.81 18.35
CA ASN A 92 -2.32 16.68 19.07
C ASN A 92 -2.79 17.86 18.22
N SER A 93 -2.17 18.08 17.07
CA SER A 93 -2.58 19.15 16.19
C SER A 93 -3.68 18.74 15.23
N GLY A 94 -4.14 17.50 15.28
CA GLY A 94 -5.23 17.07 14.46
C GLY A 94 -4.87 16.36 13.17
N ILE A 95 -3.68 15.79 13.09
CA ILE A 95 -3.33 14.95 11.95
C ILE A 95 -3.91 13.56 12.17
N ILE A 96 -4.61 13.06 11.15
CA ILE A 96 -5.34 11.81 11.21
C ILE A 96 -4.96 10.95 10.01
N LEU A 97 -4.62 9.69 10.26
CA LEU A 97 -4.39 8.76 9.17
C LEU A 97 -5.66 7.98 8.89
N THR A 98 -5.81 7.53 7.66
CA THR A 98 -6.83 6.61 7.25
C THR A 98 -6.52 5.97 5.89
N ASN A 99 -7.48 5.24 5.35
CA ASN A 99 -7.40 4.70 4.00
C ASN A 99 -7.89 5.71 2.97
N ALA A 100 -7.31 5.65 1.78
CA ALA A 100 -7.78 6.52 0.72
C ALA A 100 -9.19 6.13 0.29
N HIS A 101 -9.49 4.83 0.23
CA HIS A 101 -10.82 4.41 -0.19
C HIS A 101 -11.90 4.80 0.83
N VAL A 102 -11.50 5.17 2.04
CA VAL A 102 -12.45 5.69 3.01
C VAL A 102 -12.92 7.07 2.58
N VAL A 103 -11.96 7.96 2.32
CA VAL A 103 -12.28 9.34 2.05
C VAL A 103 -12.60 9.60 0.59
N ASP A 104 -12.52 8.61 -0.28
CA ASP A 104 -12.91 8.82 -1.65
C ASP A 104 -12.01 9.83 -2.30
N GLY A 105 -12.53 10.47 -3.34
CA GLY A 105 -11.87 11.65 -3.84
C GLY A 105 -12.42 12.91 -3.22
N ALA A 106 -13.23 12.77 -2.17
CA ALA A 106 -13.80 13.93 -1.49
C ALA A 106 -12.73 14.66 -0.70
N SER A 107 -12.99 15.94 -0.42
CA SER A 107 -12.08 16.77 0.36
C SER A 107 -12.68 17.27 1.67
N LYS A 108 -14.00 17.31 1.80
CA LYS A 108 -14.69 17.59 3.06
C LYS A 108 -15.03 16.26 3.73
N VAL A 109 -14.65 16.13 5.00
CA VAL A 109 -14.88 14.90 5.76
C VAL A 109 -15.35 15.27 7.16
N VAL A 110 -16.18 14.42 7.74
CA VAL A 110 -16.66 14.60 9.11
C VAL A 110 -15.96 13.57 10.01
N VAL A 111 -15.32 14.06 11.07
CA VAL A 111 -14.56 13.23 12.01
C VAL A 111 -15.31 13.20 13.33
N THR A 112 -15.60 12.00 13.83
CA THR A 112 -16.24 11.84 15.13
C THR A 112 -15.30 11.12 16.07
N LEU A 113 -15.02 11.73 17.22
CA LEU A 113 -14.12 11.12 18.18
C LEU A 113 -14.88 10.12 19.05
N ARG A 114 -14.12 9.19 19.66
CA ARG A 114 -14.77 8.17 20.47
C ARG A 114 -15.62 8.79 21.58
N ASP A 115 -15.34 10.02 21.97
CA ASP A 115 -16.08 10.70 23.03
C ASP A 115 -17.32 11.43 22.51
N GLY A 116 -17.49 11.57 21.19
CA GLY A 116 -18.64 12.25 20.63
C GLY A 116 -18.37 13.60 20.01
N ARG A 117 -17.20 14.21 20.26
CA ARG A 117 -16.89 15.46 19.57
C ARG A 117 -16.75 15.20 18.07
N THR A 118 -17.33 16.11 17.30
CA THR A 118 -17.27 16.07 15.86
C THR A 118 -16.46 17.26 15.37
N PHE A 119 -15.76 17.06 14.26
CA PHE A 119 -14.89 18.07 13.67
C PHE A 119 -15.11 18.08 12.18
N ASP A 120 -15.30 19.27 11.63
CA ASP A 120 -15.12 19.49 10.20
C ASP A 120 -13.64 19.21 9.92
N GLY A 121 -13.37 18.14 9.20
CA GLY A 121 -12.02 17.76 8.86
C GLY A 121 -11.78 17.85 7.36
N GLN A 122 -10.60 18.28 6.99
CA GLN A 122 -10.25 18.49 5.59
C GLN A 122 -9.38 17.33 5.13
N VAL A 123 -9.75 16.73 3.99
CA VAL A 123 -8.88 15.74 3.37
C VAL A 123 -7.69 16.48 2.80
N ARG A 124 -6.51 16.17 3.34
CA ARG A 124 -5.29 16.91 3.02
C ARG A 124 -4.44 16.24 1.95
N GLY A 125 -4.67 14.94 1.71
CA GLY A 125 -4.82 14.32 0.42
C GLY A 125 -4.29 12.88 0.48
N THR A 126 -4.20 12.24 -0.67
CA THR A 126 -4.39 10.81 -0.79
C THR A 126 -3.33 10.21 -1.69
N ASP A 127 -2.80 9.06 -1.26
CA ASP A 127 -1.97 8.22 -2.11
C ASP A 127 -2.81 7.01 -2.49
N GLU A 128 -3.27 6.99 -3.75
CA GLU A 128 -4.07 5.87 -4.21
C GLU A 128 -3.28 4.56 -4.16
N VAL A 129 -1.96 4.61 -4.38
CA VAL A 129 -1.15 3.40 -4.58
C VAL A 129 -0.91 2.66 -3.28
N THR A 130 -0.59 3.37 -2.20
CA THR A 130 -0.44 2.81 -0.86
C THR A 130 -1.76 2.76 -0.11
N ASP A 131 -2.78 3.45 -0.63
CA ASP A 131 -4.09 3.59 0.00
C ASP A 131 -3.98 4.21 1.40
N LEU A 132 -3.38 5.39 1.43
CA LEU A 132 -3.26 6.18 2.64
C LEU A 132 -3.80 7.58 2.38
N ALA A 133 -4.49 8.16 3.36
CA ALA A 133 -4.88 9.56 3.29
C ALA A 133 -4.68 10.19 4.64
N VAL A 134 -4.41 11.50 4.63
CA VAL A 134 -4.24 12.28 5.84
C VAL A 134 -5.37 13.30 5.91
N VAL A 135 -6.09 13.29 7.00
CA VAL A 135 -7.11 14.27 7.27
C VAL A 135 -6.58 15.19 8.36
N LYS A 136 -7.00 16.45 8.35
CA LYS A 136 -6.69 17.30 9.49
C LYS A 136 -7.96 17.92 10.04
N ILE A 137 -8.02 18.00 11.37
CA ILE A 137 -9.14 18.58 12.09
C ILE A 137 -8.64 19.70 12.99
N GLU A 138 -9.59 20.52 13.47
CA GLU A 138 -9.31 21.74 14.23
C GLU A 138 -9.22 21.49 15.74
N PRO A 139 -8.00 21.37 16.31
CA PRO A 139 -7.85 20.82 17.67
C PRO A 139 -8.37 21.68 18.81
N GLN A 140 -9.61 22.16 18.72
CA GLN A 140 -10.19 23.05 19.72
C GLN A 140 -10.53 22.31 21.01
N GLY A 141 -10.85 23.10 22.03
CA GLY A 141 -11.35 22.56 23.28
C GLY A 141 -10.36 21.64 23.92
N SER A 142 -10.89 20.64 24.63
CA SER A 142 -10.04 19.63 25.24
C SER A 142 -9.17 18.94 24.19
N ALA A 143 -7.95 18.59 24.59
CA ALA A 143 -6.92 18.13 23.66
C ALA A 143 -7.36 16.85 22.97
N LEU A 144 -7.09 16.79 21.68
CA LEU A 144 -7.31 15.55 20.96
C LEU A 144 -6.44 14.44 21.55
N PRO A 145 -6.99 13.25 21.73
CA PRO A 145 -6.17 12.12 22.16
C PRO A 145 -5.45 11.51 20.97
N VAL A 146 -4.36 10.81 21.27
CA VAL A 146 -3.41 10.38 20.24
C VAL A 146 -3.08 8.90 20.42
N ALA A 147 -2.91 8.22 19.28
CA ALA A 147 -2.38 6.86 19.26
C ALA A 147 -0.87 6.91 19.09
N PRO A 148 -0.10 6.30 19.97
CA PRO A 148 1.36 6.31 19.81
C PRO A 148 1.77 5.37 18.69
N LEU A 149 2.69 5.82 17.85
CA LEU A 149 3.10 5.01 16.71
C LEU A 149 4.21 4.06 17.12
N GLY A 150 4.04 2.78 16.82
CA GLY A 150 5.09 1.81 17.01
C GLY A 150 6.01 1.79 15.82
N THR A 151 6.61 0.63 15.58
CA THR A 151 7.39 0.49 14.37
C THR A 151 7.20 -0.91 13.82
N SER A 152 7.02 -0.97 12.51
CA SER A 152 6.64 -2.20 11.85
C SER A 152 7.85 -3.05 11.44
N SER A 153 9.04 -2.45 11.37
CA SER A 153 10.21 -3.29 11.12
C SER A 153 10.57 -4.20 12.32
N ASN A 154 9.75 -4.23 13.38
CA ASN A 154 9.96 -5.12 14.51
C ASN A 154 8.98 -6.27 14.55
N LEU A 155 8.01 -6.26 13.66
CA LEU A 155 7.01 -7.32 13.63
C LEU A 155 7.65 -8.66 13.27
N GLN A 156 7.32 -9.68 14.04
CA GLN A 156 7.53 -11.07 13.67
C GLN A 156 6.17 -11.70 13.40
N VAL A 157 6.15 -12.77 12.60
CA VAL A 157 4.91 -13.51 12.45
C VAL A 157 4.60 -14.21 13.77
N GLY A 158 3.35 -14.14 14.19
CA GLY A 158 2.95 -14.65 15.48
C GLY A 158 2.85 -13.59 16.55
N ASP A 159 3.42 -12.42 16.32
CA ASP A 159 3.16 -11.32 17.23
C ASP A 159 1.66 -11.02 17.26
N TRP A 160 1.17 -10.67 18.45
CA TRP A 160 -0.24 -10.35 18.61
C TRP A 160 -0.63 -9.12 17.80
N ALA A 161 -1.86 -9.11 17.29
CA ALA A 161 -2.34 -8.00 16.46
C ALA A 161 -3.75 -7.61 16.89
N ILE A 162 -3.97 -6.32 17.17
CA ILE A 162 -5.25 -5.82 17.64
C ILE A 162 -5.74 -4.80 16.64
N ALA A 163 -6.85 -5.12 15.96
CA ALA A 163 -7.41 -4.20 14.97
C ALA A 163 -8.58 -3.45 15.59
N VAL A 164 -8.51 -2.12 15.60
CA VAL A 164 -9.50 -1.26 16.27
C VAL A 164 -10.15 -0.35 15.25
N GLY A 165 -11.48 -0.25 15.31
CA GLY A 165 -12.25 0.67 14.51
C GLY A 165 -13.06 1.59 15.40
N ASN A 166 -13.70 2.56 14.75
CA ASN A 166 -14.72 3.37 15.39
C ASN A 166 -15.84 3.54 14.38
N PRO A 167 -16.50 2.45 14.02
CA PRO A 167 -17.54 2.57 12.98
C PRO A 167 -18.67 3.50 13.37
N VAL A 168 -19.16 3.41 14.61
CA VAL A 168 -20.32 4.21 15.01
C VAL A 168 -19.90 5.64 15.36
N GLY A 169 -18.80 5.80 16.10
CA GLY A 169 -18.40 7.08 16.65
C GLY A 169 -18.47 7.15 18.16
N LEU A 170 -19.13 6.19 18.80
CA LEU A 170 -19.36 6.22 20.24
C LEU A 170 -18.61 5.12 20.98
N ASP A 171 -17.83 4.30 20.26
CA ASP A 171 -17.23 3.10 20.82
C ASP A 171 -16.22 2.58 19.80
N ASN A 172 -15.20 1.89 20.30
CA ASN A 172 -14.33 1.12 19.42
C ASN A 172 -14.95 -0.21 19.07
N THR A 173 -14.62 -0.70 17.89
CA THR A 173 -14.70 -2.11 17.56
C THR A 173 -13.31 -2.68 17.68
N VAL A 174 -13.20 -3.85 18.30
CA VAL A 174 -11.90 -4.49 18.51
C VAL A 174 -11.97 -5.91 17.96
N THR A 175 -10.95 -6.32 17.22
CA THR A 175 -10.78 -7.72 16.89
C THR A 175 -9.33 -8.11 17.14
N LEU A 176 -9.12 -9.40 17.38
CA LEU A 176 -7.80 -9.88 17.78
C LEU A 176 -7.30 -11.02 16.88
N GLY A 177 -6.02 -10.96 16.56
CA GLY A 177 -5.38 -11.94 15.70
C GLY A 177 -3.87 -11.94 15.91
N ILE A 178 -3.13 -12.32 14.87
CA ILE A 178 -1.67 -12.33 14.89
C ILE A 178 -1.16 -11.76 13.59
N ILE A 179 0.09 -11.47 13.56
CA ILE A 179 0.66 -11.17 12.33
C ILE A 179 0.77 -12.54 11.62
N SER A 180 0.07 -12.70 10.53
CA SER A 180 0.06 -13.92 9.74
C SER A 180 1.15 -13.94 8.70
N THR A 181 1.45 -12.79 8.09
CA THR A 181 2.49 -12.69 7.08
C THR A 181 3.08 -11.29 7.12
N LEU A 182 4.35 -11.20 6.71
CA LEU A 182 5.00 -9.95 6.34
C LEU A 182 5.62 -10.11 4.96
N GLY A 183 5.59 -9.06 4.15
CA GLY A 183 6.12 -9.11 2.80
C GLY A 183 7.63 -9.17 2.74
N GLU A 197 4.36 -3.76 1.03
CA GLU A 197 4.84 -4.74 2.00
C GLU A 197 3.73 -5.00 3.00
N PHE A 198 2.59 -5.45 2.50
CA PHE A 198 1.40 -5.58 3.34
C PHE A 198 1.65 -6.51 4.53
N ILE A 199 1.20 -6.06 5.70
CA ILE A 199 0.99 -6.94 6.84
C ILE A 199 -0.25 -7.79 6.57
N GLN A 200 -0.14 -9.08 6.88
CA GLN A 200 -1.31 -9.96 6.90
C GLN A 200 -1.56 -10.40 8.32
N THR A 201 -2.84 -10.39 8.71
CA THR A 201 -3.26 -10.73 10.06
C THR A 201 -4.54 -11.54 10.01
N ASP A 202 -4.77 -12.41 11.00
CA ASP A 202 -6.07 -13.03 11.11
C ASP A 202 -6.98 -12.34 12.13
N ALA A 203 -6.62 -11.13 12.56
CA ALA A 203 -7.59 -10.27 13.22
C ALA A 203 -8.63 -9.85 12.20
N ALA A 204 -9.91 -10.12 12.49
CA ALA A 204 -10.95 -9.79 11.54
C ALA A 204 -10.83 -8.33 11.14
N ILE A 205 -10.70 -8.10 9.83
CA ILE A 205 -10.56 -6.77 9.27
C ILE A 205 -11.71 -6.59 8.30
N ASN A 206 -12.59 -5.66 8.63
CA ASN A 206 -13.87 -5.47 7.98
C ASN A 206 -14.05 -3.98 7.76
N PRO A 207 -15.07 -3.55 7.05
CA PRO A 207 -15.26 -2.11 6.83
C PRO A 207 -15.47 -1.38 8.16
N GLY A 208 -15.45 -0.10 8.09
CA GLY A 208 -15.76 0.57 9.29
C GLY A 208 -14.61 0.52 10.25
N ASN A 209 -14.11 -0.68 10.48
CA ASN A 209 -12.83 -0.96 11.09
C ASN A 209 -11.65 -0.59 10.16
N SER A 210 -11.87 -0.52 8.85
CA SER A 210 -10.79 -0.18 7.92
C SER A 210 -10.40 1.30 8.04
N GLY A 211 -9.09 1.57 7.95
CA GLY A 211 -8.54 2.87 8.23
C GLY A 211 -8.20 3.11 9.68
N GLY A 212 -8.78 2.35 10.62
CA GLY A 212 -8.35 2.35 11.99
C GLY A 212 -6.97 1.73 12.10
N PRO A 213 -6.39 1.76 13.31
CA PRO A 213 -5.03 1.27 13.51
C PRO A 213 -5.00 -0.21 13.82
N LEU A 214 -3.87 -0.83 13.46
CA LEU A 214 -3.49 -2.18 13.90
C LEU A 214 -2.44 -2.02 15.00
N LEU A 215 -2.77 -2.53 16.18
CA LEU A 215 -1.97 -2.32 17.37
C LEU A 215 -1.14 -3.56 17.69
N ASN A 216 0.04 -3.35 18.27
CA ASN A 216 0.74 -4.49 18.83
C ASN A 216 0.22 -4.75 20.24
N ALA A 217 0.85 -5.71 20.92
CA ALA A 217 0.37 -6.10 22.23
C ALA A 217 0.46 -4.95 23.23
N ARG A 218 1.45 -4.07 23.07
CA ARG A 218 1.55 -2.91 23.95
C ARG A 218 0.55 -1.81 23.58
N GLY A 219 -0.05 -1.88 22.40
CA GLY A 219 -0.98 -0.86 21.97
C GLY A 219 -0.39 0.22 21.10
N GLU A 220 0.78 -0.01 20.52
CA GLU A 220 1.34 0.92 19.55
C GLU A 220 0.74 0.63 18.18
N VAL A 221 0.37 1.70 17.46
CA VAL A 221 -0.01 1.51 16.07
C VAL A 221 1.16 0.89 15.35
N ILE A 222 0.96 -0.29 14.78
CA ILE A 222 1.94 -0.85 13.86
C ILE A 222 1.42 -0.95 12.44
N GLY A 223 0.12 -0.71 12.21
CA GLY A 223 -0.35 -0.68 10.84
C GLY A 223 -1.66 0.07 10.71
N ILE A 224 -2.13 0.22 9.48
CA ILE A 224 -3.43 0.80 9.17
C ILE A 224 -4.29 -0.29 8.53
N ASN A 225 -5.37 -0.70 9.20
CA ASN A 225 -6.28 -1.70 8.66
C ASN A 225 -6.79 -1.28 7.29
N THR A 226 -6.89 -2.25 6.35
CA THR A 226 -7.54 -1.95 5.07
C THR A 226 -8.49 -3.07 4.67
N ALA A 227 -9.71 -2.74 4.34
CA ALA A 227 -10.70 -3.71 4.11
C ALA A 227 -10.60 -4.74 2.93
N ILE A 228 -10.33 -4.29 1.74
CA ILE A 228 -10.22 -5.27 0.65
C ILE A 228 -11.42 -6.22 0.67
N THR A 233 -11.76 -17.04 4.19
CA THR A 233 -10.47 -16.35 4.10
C THR A 233 -9.81 -16.21 5.48
N GLY A 234 -10.40 -15.35 6.30
CA GLY A 234 -9.84 -15.06 7.62
C GLY A 234 -8.51 -14.35 7.58
N ILE A 235 -8.17 -13.70 6.48
CA ILE A 235 -6.88 -13.04 6.33
C ILE A 235 -7.12 -11.60 5.90
N GLY A 236 -6.60 -10.68 6.69
CA GLY A 236 -6.82 -9.26 6.45
C GLY A 236 -5.51 -8.54 6.27
N PHE A 237 -5.54 -7.34 5.71
CA PHE A 237 -4.31 -6.64 5.41
C PHE A 237 -4.23 -5.33 6.16
N ALA A 238 -2.99 -4.94 6.46
CA ALA A 238 -2.67 -3.65 7.06
C ALA A 238 -1.45 -3.04 6.37
N ILE A 239 -1.53 -1.73 6.15
CA ILE A 239 -0.40 -0.96 5.67
C ILE A 239 0.58 -0.82 6.82
N PRO A 240 1.82 -1.29 6.69
CA PRO A 240 2.75 -1.19 7.82
C PRO A 240 2.99 0.27 8.14
N ILE A 241 3.08 0.54 9.44
CA ILE A 241 3.04 1.92 9.91
C ILE A 241 4.23 2.72 9.41
N ASP A 242 5.39 2.09 9.24
CA ASP A 242 6.57 2.82 8.77
C ASP A 242 6.38 3.36 7.35
N GLN A 243 5.57 2.69 6.54
CA GLN A 243 5.19 3.21 5.23
C GLN A 243 4.44 4.54 5.36
N ALA A 244 3.41 4.56 6.21
CA ALA A 244 2.72 5.81 6.49
C ALA A 244 3.67 6.87 7.04
N LYS A 245 4.59 6.49 7.94
CA LYS A 245 5.53 7.45 8.48
C LYS A 245 6.31 8.12 7.36
N ALA A 246 6.68 7.35 6.33
CA ALA A 246 7.39 7.98 5.21
C ALA A 246 6.47 8.85 4.37
N ILE A 247 5.19 8.50 4.27
CA ILE A 247 4.29 9.26 3.39
C ILE A 247 3.68 10.48 4.07
N GLN A 248 3.83 10.60 5.39
CA GLN A 248 2.97 11.48 6.17
C GLN A 248 3.20 12.94 5.83
N ASN A 249 4.43 13.42 6.00
CA ASN A 249 4.74 14.80 5.66
C ASN A 249 4.17 15.17 4.30
N THR A 250 4.49 14.37 3.28
CA THR A 250 4.09 14.67 1.91
C THR A 250 2.58 14.76 1.77
N LEU A 251 1.83 13.76 2.26
CA LEU A 251 0.37 13.82 2.11
C LEU A 251 -0.23 14.97 2.92
N ALA A 252 0.22 15.13 4.17
CA ALA A 252 -0.32 16.16 5.02
C ALA A 252 -0.11 17.54 4.43
N ALA A 253 0.91 17.71 3.59
CA ALA A 253 1.16 19.01 3.00
C ALA A 253 0.68 19.08 1.55
N GLY A 254 -0.42 18.40 1.22
CA GLY A 254 -0.87 18.29 -0.16
C GLY A 254 0.19 17.64 -1.04
N GLY A 255 0.05 17.63 -2.35
CA GLY A 255 1.12 17.14 -3.18
C GLY A 255 1.18 15.62 -3.26
N THR A 256 1.83 15.14 -4.32
CA THR A 256 1.74 13.77 -4.78
C THR A 256 2.96 12.96 -4.35
N VAL A 257 2.70 11.79 -3.73
CA VAL A 257 3.77 10.82 -3.50
C VAL A 257 4.24 10.24 -4.83
N PRO A 258 5.54 10.15 -5.08
CA PRO A 258 6.02 9.68 -6.39
C PRO A 258 5.93 8.17 -6.47
N HIS A 259 5.30 7.66 -7.51
CA HIS A 259 5.26 6.22 -7.76
C HIS A 259 5.65 6.00 -9.22
N PRO A 260 6.95 5.84 -9.49
CA PRO A 260 7.39 5.71 -10.88
C PRO A 260 7.18 4.31 -11.41
N TYR A 261 6.71 4.22 -12.65
CA TYR A 261 6.49 2.94 -13.27
C TYR A 261 6.70 3.08 -14.78
N ILE A 262 6.66 1.95 -15.47
CA ILE A 262 6.77 1.96 -16.92
C ILE A 262 5.53 1.32 -17.55
N GLY A 263 4.82 0.51 -16.84
CA GLY A 263 3.61 -0.06 -17.37
C GLY A 263 3.50 -1.40 -18.01
N VAL A 264 4.28 -2.37 -17.52
CA VAL A 264 4.19 -3.70 -18.08
C VAL A 264 3.73 -4.65 -17.00
N GLN A 265 2.89 -5.60 -17.40
CA GLN A 265 2.66 -6.83 -16.67
C GLN A 265 3.74 -7.81 -17.11
N MET A 266 4.51 -8.31 -16.16
CA MET A 266 5.71 -9.07 -16.43
C MET A 266 5.70 -10.37 -15.64
N MET A 267 6.65 -11.22 -16.00
CA MET A 267 6.71 -12.56 -15.44
C MET A 267 8.12 -13.04 -15.61
N ASN A 268 8.64 -13.70 -14.58
CA ASN A 268 9.96 -14.29 -14.69
C ASN A 268 9.88 -15.53 -15.56
N ILE A 269 10.81 -15.69 -16.48
CA ILE A 269 10.70 -16.78 -17.42
C ILE A 269 11.86 -17.74 -17.20
N THR A 270 11.51 -18.99 -16.99
CA THR A 270 12.41 -20.10 -16.70
C THR A 270 12.72 -20.98 -17.96
N VAL A 271 14.00 -21.30 -18.25
CA VAL A 271 14.33 -22.07 -19.45
C VAL A 271 13.45 -23.29 -19.56
N ASP A 272 13.44 -24.13 -18.52
CA ASP A 272 12.46 -25.21 -18.45
C ASP A 272 11.08 -24.68 -18.84
N GLN A 273 10.82 -23.44 -18.49
CA GLN A 273 9.55 -22.82 -18.77
C GLN A 273 9.39 -22.27 -20.20
N ALA A 274 10.44 -21.71 -20.77
CA ALA A 274 10.41 -21.26 -22.16
C ALA A 274 10.28 -22.45 -23.12
N GLN A 275 11.10 -23.48 -22.92
CA GLN A 275 10.98 -24.70 -23.71
C GLN A 275 9.63 -25.38 -23.45
N GLN A 276 9.17 -25.34 -22.19
CA GLN A 276 7.86 -25.87 -21.86
C GLN A 276 6.79 -25.19 -22.70
N ASN A 277 6.75 -23.85 -22.61
CA ASN A 277 5.86 -23.02 -23.39
C ASN A 277 5.97 -23.30 -24.88
N ASN A 278 7.19 -23.53 -25.36
CA ASN A 278 7.38 -23.74 -26.79
C ASN A 278 6.99 -25.13 -27.24
N ARG A 279 6.80 -26.05 -26.30
CA ARG A 279 6.32 -27.37 -26.69
C ARG A 279 4.84 -27.36 -27.05
N ASN A 280 4.11 -26.32 -26.65
CA ASN A 280 2.66 -26.31 -26.82
C ASN A 280 2.29 -25.66 -28.15
N PRO A 281 1.67 -26.39 -29.09
CA PRO A 281 1.35 -25.79 -30.38
C PRO A 281 0.51 -24.56 -30.25
N ASN A 282 -0.18 -24.36 -29.13
CA ASN A 282 -1.13 -23.27 -29.00
C ASN A 282 -0.67 -22.15 -28.07
N SER A 283 0.56 -22.17 -27.59
CA SER A 283 1.02 -20.98 -26.89
C SER A 283 1.03 -19.77 -27.83
N PRO A 284 0.77 -18.57 -27.30
CA PRO A 284 0.62 -17.42 -28.21
C PRO A 284 1.91 -17.02 -28.92
N PHE A 285 3.04 -17.05 -28.24
CA PHE A 285 4.30 -16.70 -28.88
C PHE A 285 5.39 -17.69 -28.50
N ILE A 286 6.33 -17.87 -29.41
CA ILE A 286 7.57 -18.58 -29.13
C ILE A 286 8.45 -17.73 -28.24
N ILE A 287 8.96 -18.32 -27.16
CA ILE A 287 9.74 -17.61 -26.16
C ILE A 287 11.21 -17.99 -26.35
N PRO A 288 12.12 -17.04 -26.42
CA PRO A 288 13.51 -17.38 -26.81
C PRO A 288 14.35 -18.22 -25.85
N GLU A 289 13.78 -19.17 -25.10
CA GLU A 289 14.52 -20.24 -24.41
C GLU A 289 15.44 -19.77 -23.27
N VAL A 290 15.43 -18.48 -22.92
CA VAL A 290 16.38 -17.92 -21.96
C VAL A 290 15.79 -17.84 -20.56
N ASP A 291 16.41 -17.02 -19.71
CA ASP A 291 15.85 -16.66 -18.42
C ASP A 291 15.80 -15.15 -18.34
N GLY A 292 14.62 -14.61 -18.19
CA GLY A 292 14.49 -13.18 -18.10
C GLY A 292 13.12 -12.80 -17.60
N ILE A 293 12.63 -11.70 -18.16
CA ILE A 293 11.41 -11.05 -17.73
C ILE A 293 10.51 -10.99 -18.95
N LEU A 294 9.49 -11.82 -18.95
CA LEU A 294 8.59 -11.90 -20.07
C LEU A 294 7.52 -10.82 -19.91
N VAL A 295 7.46 -9.90 -20.87
CA VAL A 295 6.38 -8.92 -20.90
C VAL A 295 5.09 -9.66 -21.26
N MET A 296 4.17 -9.74 -20.29
CA MET A 296 2.86 -10.35 -20.55
C MET A 296 1.88 -9.33 -21.13
N ARG A 297 1.98 -8.08 -20.70
CA ARG A 297 1.00 -7.11 -21.16
C ARG A 297 1.62 -5.73 -21.12
N VAL A 298 1.29 -4.92 -22.10
CA VAL A 298 1.73 -3.54 -22.14
C VAL A 298 0.50 -2.70 -21.89
N LEU A 299 0.46 -2.03 -20.76
CA LEU A 299 -0.76 -1.33 -20.40
C LEU A 299 -0.90 -0.09 -21.27
N PRO A 300 -2.11 0.28 -21.65
CA PRO A 300 -2.29 1.37 -22.62
C PRO A 300 -1.92 2.71 -22.03
N GLY A 301 -1.30 3.54 -22.86
CA GLY A 301 -0.98 4.90 -22.46
C GLY A 301 0.12 5.00 -21.43
N THR A 302 1.03 4.04 -21.40
CA THR A 302 2.09 3.99 -20.41
C THR A 302 3.42 4.33 -21.07
N PRO A 303 4.45 4.57 -20.27
CA PRO A 303 5.77 4.76 -20.87
C PRO A 303 6.21 3.57 -21.68
N ALA A 304 5.74 2.37 -21.33
CA ALA A 304 6.20 1.17 -22.03
C ALA A 304 5.55 1.05 -23.38
N GLU A 305 4.27 1.41 -23.48
CA GLU A 305 3.68 1.47 -24.81
C GLU A 305 4.39 2.52 -25.66
N ARG A 306 4.66 3.70 -25.10
CA ARG A 306 5.30 4.73 -25.90
C ARG A 306 6.71 4.34 -26.32
N ALA A 307 7.40 3.49 -25.56
CA ALA A 307 8.72 3.05 -25.97
C ALA A 307 8.67 1.85 -26.91
N GLY A 308 7.49 1.40 -27.31
CA GLY A 308 7.38 0.34 -28.28
C GLY A 308 7.46 -1.07 -27.74
N ILE A 309 7.38 -1.26 -26.43
CA ILE A 309 7.38 -2.60 -25.89
C ILE A 309 6.12 -3.33 -26.31
N ARG A 310 6.25 -4.62 -26.58
CA ARG A 310 5.13 -5.44 -27.00
C ARG A 310 5.01 -6.65 -26.10
N ARG A 311 3.77 -7.06 -25.84
CA ARG A 311 3.51 -8.39 -25.32
C ARG A 311 4.38 -9.42 -26.02
N GLY A 312 5.09 -10.21 -25.24
CA GLY A 312 5.99 -11.22 -25.75
C GLY A 312 7.46 -10.86 -25.65
N ASP A 313 7.80 -9.60 -25.50
CA ASP A 313 9.22 -9.28 -25.35
C ASP A 313 9.78 -9.95 -24.09
N VAL A 314 11.05 -10.34 -24.16
CA VAL A 314 11.74 -10.84 -22.97
C VAL A 314 12.78 -9.81 -22.57
N ILE A 315 12.57 -9.14 -21.44
CA ILE A 315 13.61 -8.27 -20.89
C ILE A 315 14.66 -9.15 -20.25
N VAL A 316 15.94 -8.85 -20.52
CA VAL A 316 17.07 -9.67 -20.06
C VAL A 316 17.97 -8.90 -19.10
N ALA A 317 18.21 -7.62 -19.36
CA ALA A 317 19.01 -6.78 -18.47
C ALA A 317 18.45 -5.36 -18.51
N VAL A 318 18.58 -4.65 -17.37
CA VAL A 318 18.44 -3.20 -17.32
C VAL A 318 19.82 -2.58 -17.35
N ASP A 319 20.05 -1.50 -18.06
CA ASP A 319 21.19 -1.40 -18.83
C ASP A 319 22.38 -1.87 -18.01
N GLY A 320 23.21 -2.76 -18.55
CA GLY A 320 24.24 -3.35 -17.76
C GLY A 320 23.83 -4.64 -17.11
N THR A 321 23.39 -4.53 -15.87
CA THR A 321 23.03 -5.62 -14.98
C THR A 321 21.99 -6.56 -15.63
N PRO A 322 22.26 -7.87 -15.70
CA PRO A 322 21.26 -8.79 -16.22
C PRO A 322 20.15 -8.99 -15.21
N ILE A 323 19.05 -9.58 -15.66
CA ILE A 323 17.89 -9.69 -14.78
C ILE A 323 17.01 -10.84 -15.22
N SER A 324 16.30 -11.44 -14.26
CA SER A 324 15.27 -12.48 -14.43
C SER A 324 14.15 -12.41 -13.37
N ASP A 325 14.20 -11.30 -12.67
CA ASP A 325 13.32 -11.18 -11.51
C ASP A 325 12.47 -9.92 -11.66
N GLY A 326 11.15 -10.12 -11.79
CA GLY A 326 10.25 -8.98 -11.90
C GLY A 326 10.39 -8.00 -10.75
N ALA A 327 10.74 -8.51 -9.57
CA ALA A 327 10.88 -7.64 -8.41
C ALA A 327 12.14 -6.79 -8.49
N ARG A 328 13.26 -7.36 -8.96
CA ARG A 328 14.46 -6.56 -9.15
C ARG A 328 14.23 -5.42 -10.14
N LEU A 329 13.47 -5.69 -11.21
CA LEU A 329 13.11 -4.61 -12.12
C LEU A 329 12.23 -3.58 -11.42
N GLN A 330 11.28 -4.03 -10.60
CA GLN A 330 10.48 -3.09 -9.82
C GLN A 330 11.38 -2.13 -9.06
N ARG A 331 12.39 -2.67 -8.38
CA ARG A 331 13.23 -1.82 -7.54
C ARG A 331 14.16 -0.93 -8.36
N ILE A 332 14.59 -1.36 -9.55
CA ILE A 332 15.39 -0.45 -10.36
C ILE A 332 14.54 0.70 -10.88
N VAL A 333 13.28 0.42 -11.24
CA VAL A 333 12.38 1.47 -11.71
C VAL A 333 12.12 2.48 -10.60
N GLU A 334 11.80 1.98 -9.40
CA GLU A 334 11.55 2.88 -8.28
C GLU A 334 12.79 3.69 -7.91
N GLN A 335 13.93 3.02 -7.75
CA GLN A 335 15.18 3.74 -7.47
C GLN A 335 15.50 4.77 -8.55
N ALA A 336 15.05 4.52 -9.79
CA ALA A 336 15.33 5.46 -10.87
C ALA A 336 14.72 6.82 -10.59
N GLY A 337 13.43 6.86 -10.27
CA GLY A 337 12.73 8.11 -10.03
C GLY A 337 11.81 8.46 -11.19
N LEU A 338 11.11 9.60 -11.04
CA LEU A 338 10.19 10.06 -12.07
C LEU A 338 10.92 10.75 -13.20
N ASN A 339 10.50 10.46 -14.44
CA ASN A 339 11.08 11.04 -15.64
C ASN A 339 12.58 10.73 -15.73
N LYS A 340 12.88 9.45 -15.75
CA LYS A 340 14.22 8.99 -16.01
C LYS A 340 14.17 7.98 -17.14
N ALA A 341 15.09 8.11 -18.07
CA ALA A 341 15.27 7.11 -19.11
C ALA A 341 15.84 5.84 -18.50
N LEU A 342 15.40 4.73 -18.73
CA LEU A 342 16.01 3.44 -18.50
C LEU A 342 16.30 2.79 -19.84
N LYS A 343 17.39 2.17 -20.14
CA LYS A 343 17.74 1.35 -21.28
C LYS A 343 17.43 -0.06 -20.92
N LEU A 344 16.78 -0.73 -21.86
CA LEU A 344 16.27 -2.07 -21.67
C LEU A 344 16.81 -3.03 -22.72
N ASP A 345 17.25 -4.20 -22.27
CA ASP A 345 17.69 -5.28 -23.15
C ASP A 345 16.58 -6.31 -23.29
N LEU A 346 16.02 -6.43 -24.49
CA LEU A 346 14.96 -7.40 -24.73
C LEU A 346 15.18 -8.17 -26.04
N LEU A 347 14.64 -9.38 -26.06
CA LEU A 347 14.58 -10.23 -27.24
C LEU A 347 13.16 -10.25 -27.80
N ARG A 348 13.06 -10.37 -29.12
CA ARG A 348 11.76 -10.41 -29.78
C ARG A 348 11.77 -11.21 -31.08
N ARG A 351 15.30 -12.04 -32.41
CA ARG A 351 15.65 -10.63 -32.53
C ARG A 351 16.08 -10.01 -31.20
N ARG A 352 17.12 -9.18 -31.25
CA ARG A 352 17.62 -8.48 -30.09
C ARG A 352 17.39 -6.98 -30.26
N LEU A 353 17.16 -6.30 -29.13
CA LEU A 353 16.57 -4.99 -29.21
C LEU A 353 16.60 -4.28 -27.85
N SER A 354 17.17 -3.09 -27.78
CA SER A 354 17.16 -2.31 -26.56
C SER A 354 16.34 -1.05 -26.78
N LEU A 355 15.58 -0.65 -25.74
CA LEU A 355 14.71 0.52 -25.82
C LEU A 355 14.94 1.38 -24.58
N THR A 356 14.52 2.65 -24.64
CA THR A 356 14.57 3.51 -23.46
C THR A 356 13.15 3.90 -23.06
N VAL A 357 12.84 3.76 -21.78
CA VAL A 357 11.52 4.05 -21.26
C VAL A 357 11.65 5.20 -20.28
N GLN A 358 10.82 6.23 -20.45
CA GLN A 358 10.80 7.38 -19.57
C GLN A 358 9.81 7.08 -18.46
N THR A 359 10.30 6.83 -17.26
CA THR A 359 9.39 6.52 -16.16
C THR A 359 8.40 7.65 -15.99
N ALA A 360 7.17 7.30 -15.68
CA ALA A 360 6.15 8.28 -15.38
C ALA A 360 5.45 7.88 -14.08
N GLN A 361 4.61 8.78 -13.58
CA GLN A 361 3.96 8.60 -12.29
C GLN A 361 2.74 7.71 -12.43
N LEU A 362 2.70 6.64 -11.65
CA LEU A 362 1.55 5.74 -11.61
C LEU A 362 0.30 6.48 -11.13
N ARG A 363 -0.81 6.28 -11.84
CA ARG A 363 -2.10 6.89 -11.48
C ARG A 363 -3.29 5.93 -11.59
N ALA B 1 3.27 -13.00 -11.56
CA ALA B 1 2.85 -11.94 -12.50
C ALA B 1 2.79 -10.57 -11.80
N ALA B 2 3.79 -9.74 -12.02
CA ALA B 2 3.91 -8.48 -11.32
C ALA B 2 3.85 -7.30 -12.29
N ALA B 3 3.50 -6.14 -11.74
CA ALA B 3 3.34 -4.93 -12.53
C ALA B 3 4.49 -4.00 -12.21
N ALA B 4 5.26 -3.62 -13.22
CA ALA B 4 6.31 -2.62 -13.03
C ALA B 4 6.01 -1.40 -13.89
#